data_5E7X
#
_entry.id   5E7X
#
_cell.length_a   52.580
_cell.length_b   52.580
_cell.length_c   57.690
_cell.angle_alpha   90.000
_cell.angle_beta   90.000
_cell.angle_gamma   90.000
#
_symmetry.space_group_name_H-M   'P 43'
#
loop_
_entity.id
_entity.type
_entity.pdbx_description
1 polymer 'Cell wall antigen'
2 non-polymer 'PALMITIC ACID'
3 non-polymer 'ACETATE ION'
4 non-polymer GLYCEROL
5 water water
#
_entity_poly.entity_id   1
_entity_poly.type   'polypeptide(L)'
_entity_poly.pdbx_seq_one_letter_code
;TKDQRDVNVFKKVLENIGNAVTQFNNDILAYTGGDANHLIHDGDAIIKATENGLQELGPQPPLSLTEALALVGPVQGVNK
LIMKTVDHLIEKKGPLVGGGYGPQVKASLQKQAHAAVTLSELVSSKVPSPLAPISKQLSDQVAQALQKGIEAFSI
;
_entity_poly.pdbx_strand_id   A
#
loop_
_chem_comp.id
_chem_comp.type
_chem_comp.name
_chem_comp.formula
ACT non-polymer 'ACETATE ION' 'C2 H3 O2 -1'
GOL non-polymer GLYCEROL 'C3 H8 O3'
PLM non-polymer 'PALMITIC ACID' 'C16 H32 O2'
#
# COMPACT_ATOMS: atom_id res chain seq x y z
N THR A 1 9.91 22.42 -14.59
CA THR A 1 9.88 21.73 -15.92
C THR A 1 8.73 20.73 -16.02
N LYS A 2 8.29 20.46 -17.25
CA LYS A 2 7.21 19.51 -17.54
C LYS A 2 7.54 18.11 -17.01
N ASP A 3 8.83 17.75 -17.07
CA ASP A 3 9.32 16.46 -16.61
C ASP A 3 9.08 16.24 -15.11
N GLN A 4 9.43 17.23 -14.29
CA GLN A 4 9.17 17.18 -12.85
C GLN A 4 7.67 17.21 -12.56
N ARG A 5 6.91 18.00 -13.32
CA ARG A 5 5.46 18.08 -13.13
C ARG A 5 4.79 16.75 -13.47
N ASP A 6 5.31 16.07 -14.50
CA ASP A 6 4.81 14.75 -14.91
C ASP A 6 4.93 13.71 -13.79
N VAL A 7 6.11 13.59 -13.20
CA VAL A 7 6.34 12.60 -12.14
C VAL A 7 5.71 13.03 -10.82
N ASN A 8 5.52 14.33 -10.63
CA ASN A 8 5.01 14.81 -9.33
C ASN A 8 3.62 14.27 -9.00
N VAL A 9 2.76 14.08 -10.00
CA VAL A 9 1.44 13.49 -9.75
C VAL A 9 1.61 12.08 -9.16
N PHE A 10 2.53 11.30 -9.73
CA PHE A 10 2.80 9.96 -9.19
C PHE A 10 3.41 10.01 -7.80
N LYS A 11 4.36 10.91 -7.60
CA LYS A 11 5.00 11.06 -6.29
C LYS A 11 4.03 11.46 -5.19
N LYS A 12 3.10 12.35 -5.50
CA LYS A 12 2.12 12.79 -4.51
C LYS A 12 1.17 11.66 -4.10
N VAL A 13 0.79 10.82 -5.06
CA VAL A 13 -0.04 9.66 -4.76
C VAL A 13 0.70 8.69 -3.83
N LEU A 14 1.95 8.41 -4.15
CA LEU A 14 2.75 7.52 -3.33
C LEU A 14 2.93 8.09 -1.92
N GLU A 15 3.16 9.40 -1.84
CA GLU A 15 3.33 10.10 -0.56
C GLU A 15 2.05 10.01 0.29
N ASN A 16 0.89 10.22 -0.33
CA ASN A 16 -0.39 10.13 0.38
C ASN A 16 -0.66 8.73 0.92
N ILE A 17 -0.36 7.73 0.10
CA ILE A 17 -0.50 6.33 0.51
C ILE A 17 0.49 6.02 1.63
N GLY A 18 1.73 6.43 1.47
CA GLY A 18 2.75 6.19 2.51
C GLY A 18 2.39 6.83 3.83
N ASN A 19 1.82 8.03 3.79
CA ASN A 19 1.36 8.70 5.02
C ASN A 19 0.27 7.91 5.73
N ALA A 20 -0.66 7.35 4.96
CA ALA A 20 -1.72 6.56 5.55
C ALA A 20 -1.20 5.24 6.12
N VAL A 21 -0.21 4.65 5.45
CA VAL A 21 0.38 3.41 5.98
C VAL A 21 1.15 3.69 7.28
N THR A 22 1.87 4.79 7.29
CA THR A 22 2.60 5.21 8.47
C THR A 22 1.69 5.38 9.69
N GLN A 23 0.57 6.09 9.52
CA GLN A 23 -0.40 6.24 10.61
C GLN A 23 -0.90 4.88 11.14
N PHE A 24 -1.19 3.97 10.22
CA PHE A 24 -1.64 2.62 10.55
C PHE A 24 -0.54 1.89 11.34
N ASN A 25 0.69 1.99 10.84
CA ASN A 25 1.83 1.38 11.54
C ASN A 25 1.99 1.93 12.96
N ASN A 26 1.91 3.24 13.08
CA ASN A 26 2.05 3.88 14.40
C ASN A 26 1.02 3.36 15.40
N ASP A 27 -0.22 3.17 14.95
CA ASP A 27 -1.29 2.73 15.82
C ASP A 27 -1.22 1.23 16.14
N ILE A 28 -0.78 0.45 15.16
CA ILE A 28 -0.50 -0.97 15.42
C ILE A 28 0.59 -1.10 16.49
N LEU A 29 1.69 -0.37 16.33
CA LEU A 29 2.79 -0.42 17.32
C LEU A 29 2.29 -0.07 18.71
N ALA A 30 1.41 0.93 18.79
CA ALA A 30 0.86 1.41 20.05
C ALA A 30 -0.20 0.47 20.64
N TYR A 31 -0.79 -0.38 19.80
CA TYR A 31 -1.87 -1.27 20.23
C TYR A 31 -1.35 -2.49 21.01
N THR A 32 -1.93 -2.75 22.18
CA THR A 32 -1.65 -3.98 22.93
C THR A 32 -2.90 -4.77 23.32
N GLY A 33 -4.08 -4.27 22.98
CA GLY A 33 -5.33 -4.90 23.36
C GLY A 33 -6.47 -3.91 23.46
N GLY A 34 -7.68 -4.45 23.59
CA GLY A 34 -8.89 -3.64 23.78
C GLY A 34 -9.41 -3.11 22.46
N ASP A 35 -10.01 -1.92 22.52
CA ASP A 35 -10.72 -1.35 21.37
C ASP A 35 -9.75 -1.11 20.20
N ALA A 36 -10.11 -1.64 19.04
CA ALA A 36 -9.26 -1.58 17.84
C ALA A 36 -9.91 -0.81 16.70
N ASN A 37 -10.98 -0.08 16.98
CA ASN A 37 -11.74 0.59 15.91
C ASN A 37 -10.95 1.69 15.19
N HIS A 38 -10.18 2.49 15.94
CA HIS A 38 -9.35 3.54 15.34
C HIS A 38 -8.28 2.94 14.42
N LEU A 39 -7.76 1.80 14.86
CA LEU A 39 -6.82 1.02 14.08
C LEU A 39 -7.47 0.55 12.77
N ILE A 40 -8.68 -0.01 12.85
CA ILE A 40 -9.43 -0.46 11.68
C ILE A 40 -9.74 0.71 10.74
N HIS A 41 -10.13 1.84 11.34
CA HIS A 41 -10.34 3.08 10.60
C HIS A 41 -9.08 3.48 9.81
N ASP A 42 -7.92 3.41 10.45
CA ASP A 42 -6.65 3.72 9.77
C ASP A 42 -6.44 2.84 8.54
N GLY A 43 -6.76 1.56 8.66
CA GLY A 43 -6.69 0.63 7.54
C GLY A 43 -7.56 1.08 6.38
N ASP A 44 -8.78 1.50 6.69
CA ASP A 44 -9.70 1.97 5.67
C ASP A 44 -9.24 3.29 5.03
N ALA A 45 -8.54 4.12 5.78
CA ALA A 45 -7.92 5.33 5.22
C ALA A 45 -6.84 5.00 4.16
N ILE A 46 -6.17 3.86 4.29
CA ILE A 46 -5.21 3.46 3.28
C ILE A 46 -5.96 3.14 1.98
N ILE A 47 -7.07 2.41 2.11
CA ILE A 47 -7.90 2.08 0.94
C ILE A 47 -8.31 3.38 0.23
N LYS A 48 -8.75 4.39 0.99
CA LYS A 48 -9.19 5.64 0.39
C LYS A 48 -8.08 6.38 -0.35
N ALA A 49 -6.87 6.37 0.23
CA ALA A 49 -5.72 6.99 -0.46
C ALA A 49 -5.41 6.23 -1.75
N THR A 50 -5.55 4.91 -1.73
CA THR A 50 -5.29 4.08 -2.90
C THR A 50 -6.34 4.35 -3.97
N GLU A 51 -7.61 4.45 -3.56
CA GLU A 51 -8.70 4.79 -4.49
C GLU A 51 -8.48 6.17 -5.08
N ASN A 52 -8.10 7.15 -4.25
CA ASN A 52 -7.79 8.48 -4.78
C ASN A 52 -6.66 8.43 -5.79
N GLY A 53 -5.65 7.61 -5.52
CA GLY A 53 -4.53 7.45 -6.43
C GLY A 53 -4.94 6.87 -7.78
N LEU A 54 -5.81 5.87 -7.74
CA LEU A 54 -6.36 5.30 -8.97
C LEU A 54 -7.08 6.37 -9.81
N GLN A 55 -7.93 7.14 -9.17
CA GLN A 55 -8.65 8.20 -9.84
C GLN A 55 -7.72 9.26 -10.45
N GLU A 56 -6.66 9.61 -9.72
CA GLU A 56 -5.72 10.62 -10.21
C GLU A 56 -4.82 10.13 -11.36
N LEU A 57 -4.48 8.85 -11.35
CA LEU A 57 -3.52 8.34 -12.32
C LEU A 57 -4.14 7.66 -13.57
N GLY A 58 -5.41 7.31 -13.50
CA GLY A 58 -6.06 6.54 -14.58
C GLY A 58 -5.68 6.97 -15.99
N PRO A 59 -5.90 8.24 -16.33
CA PRO A 59 -5.66 8.70 -17.69
C PRO A 59 -4.29 9.36 -17.94
N GLN A 60 -3.36 9.25 -16.99
CA GLN A 60 -2.04 9.82 -17.20
C GLN A 60 -1.39 9.18 -18.43
N PRO A 61 -0.68 9.98 -19.23
CA PRO A 61 0.08 9.39 -20.35
C PRO A 61 1.28 8.59 -19.85
N PRO A 62 1.88 7.78 -20.74
CA PRO A 62 3.05 6.98 -20.38
C PRO A 62 4.21 7.86 -19.90
N LEU A 63 4.95 7.37 -18.91
CA LEU A 63 6.12 8.07 -18.39
C LEU A 63 7.31 7.80 -19.26
N SER A 64 8.22 8.78 -19.35
CA SER A 64 9.51 8.56 -20.00
C SER A 64 10.37 7.67 -19.14
N LEU A 65 11.47 7.20 -19.69
CA LEU A 65 12.39 6.38 -18.90
C LEU A 65 12.90 7.11 -17.65
N THR A 66 13.37 8.35 -17.81
CA THR A 66 13.90 9.07 -16.64
C THR A 66 12.82 9.45 -15.64
N GLU A 67 11.62 9.76 -16.14
CA GLU A 67 10.47 9.98 -15.25
C GLU A 67 10.15 8.74 -14.45
N ALA A 68 10.07 7.58 -15.12
CA ALA A 68 9.76 6.32 -14.43
C ALA A 68 10.87 5.96 -13.45
N LEU A 69 12.13 6.18 -13.81
CA LEU A 69 13.23 5.91 -12.88
C LEU A 69 13.13 6.73 -11.59
N ALA A 70 12.53 7.92 -11.67
CA ALA A 70 12.34 8.76 -10.48
C ALA A 70 11.33 8.20 -9.50
N LEU A 71 10.58 7.17 -9.92
CA LEU A 71 9.59 6.54 -9.07
C LEU A 71 10.13 5.30 -8.35
N VAL A 72 11.29 4.81 -8.76
CA VAL A 72 11.84 3.59 -8.16
C VAL A 72 12.08 3.77 -6.67
N GLY A 73 12.77 4.83 -6.28
CA GLY A 73 13.04 5.12 -4.87
C GLY A 73 11.76 5.26 -4.04
N PRO A 74 10.84 6.13 -4.48
CA PRO A 74 9.56 6.31 -3.80
C PRO A 74 8.79 5.02 -3.60
N VAL A 75 8.72 4.19 -4.65
CA VAL A 75 8.02 2.91 -4.52
C VAL A 75 8.73 1.94 -3.58
N GLN A 76 10.07 1.86 -3.66
CA GLN A 76 10.83 0.99 -2.76
C GLN A 76 10.59 1.38 -1.30
N GLY A 77 10.55 2.68 -1.05
CA GLY A 77 10.23 3.22 0.26
C GLY A 77 8.87 2.82 0.78
N VAL A 78 7.84 2.96 -0.05
CA VAL A 78 6.48 2.61 0.33
C VAL A 78 6.40 1.11 0.59
N ASN A 79 7.00 0.34 -0.31
CA ASN A 79 7.02 -1.12 -0.15
C ASN A 79 7.66 -1.60 1.15
N LYS A 80 8.83 -1.06 1.51
CA LYS A 80 9.48 -1.44 2.77
C LYS A 80 8.56 -1.13 3.96
N LEU A 81 7.91 0.03 3.88
CA LEU A 81 6.96 0.47 4.90
C LEU A 81 5.77 -0.48 5.04
N ILE A 82 5.19 -0.86 3.90
CA ILE A 82 4.11 -1.83 3.90
C ILE A 82 4.54 -3.16 4.49
N MET A 83 5.70 -3.66 4.08
CA MET A 83 6.21 -4.94 4.60
C MET A 83 6.36 -4.92 6.13
N LYS A 84 6.94 -3.84 6.64
CA LYS A 84 7.13 -3.68 8.08
C LYS A 84 5.84 -3.54 8.84
N THR A 85 4.91 -2.76 8.28
CA THR A 85 3.58 -2.55 8.88
C THR A 85 2.79 -3.86 8.97
N VAL A 86 2.82 -4.65 7.89
CA VAL A 86 2.15 -5.93 7.92
C VAL A 86 2.78 -6.84 8.97
N ASP A 87 4.12 -6.84 9.07
CA ASP A 87 4.80 -7.63 10.10
C ASP A 87 4.36 -7.24 11.50
N HIS A 88 4.24 -5.94 11.73
CA HIS A 88 3.77 -5.41 13.01
C HIS A 88 2.32 -5.76 13.30
N LEU A 89 1.48 -5.76 12.27
CA LEU A 89 0.11 -6.18 12.40
C LEU A 89 0.03 -7.65 12.78
N ILE A 90 0.81 -8.48 12.09
CA ILE A 90 0.84 -9.92 12.37
C ILE A 90 1.31 -10.18 13.82
N GLU A 91 2.26 -9.37 14.29
CA GLU A 91 2.73 -9.43 15.67
C GLU A 91 1.64 -9.12 16.70
N LYS A 92 0.54 -8.46 16.28
CA LYS A 92 -0.57 -8.15 17.18
C LYS A 92 -1.82 -9.01 16.92
N LYS A 93 -1.63 -10.14 16.25
CA LYS A 93 -2.73 -11.05 15.95
C LYS A 93 -3.41 -11.54 17.24
N GLY A 94 -2.61 -11.82 18.26
CA GLY A 94 -3.14 -12.31 19.54
C GLY A 94 -4.22 -11.45 20.15
N PRO A 95 -3.88 -10.20 20.52
CA PRO A 95 -4.86 -9.25 21.07
C PRO A 95 -5.97 -8.85 20.08
N LEU A 96 -5.67 -8.78 18.79
CA LEU A 96 -6.70 -8.45 17.81
C LEU A 96 -7.75 -9.56 17.72
N VAL A 97 -7.27 -10.78 17.52
CA VAL A 97 -8.14 -11.97 17.45
C VAL A 97 -8.88 -12.17 18.78
N GLY A 98 -8.12 -12.05 19.88
CA GLY A 98 -8.69 -12.16 21.23
C GLY A 98 -9.79 -11.15 21.50
N GLY A 99 -9.65 -9.93 20.98
CA GLY A 99 -10.66 -8.89 21.12
C GLY A 99 -11.82 -8.99 20.13
N GLY A 100 -11.79 -9.99 19.25
CA GLY A 100 -12.87 -10.24 18.29
C GLY A 100 -12.74 -9.54 16.94
N TYR A 101 -11.54 -9.06 16.62
CA TYR A 101 -11.30 -8.24 15.43
C TYR A 101 -10.72 -9.01 14.23
N GLY A 102 -10.49 -10.31 14.39
CA GLY A 102 -9.87 -11.12 13.35
C GLY A 102 -10.52 -10.96 11.99
N PRO A 103 -11.83 -11.28 11.90
CA PRO A 103 -12.55 -11.15 10.63
C PRO A 103 -12.48 -9.75 10.02
N GLN A 104 -12.64 -8.72 10.85
CA GLN A 104 -12.59 -7.35 10.36
C GLN A 104 -11.20 -6.97 9.83
N VAL A 105 -10.15 -7.39 10.51
CA VAL A 105 -8.78 -7.14 10.03
C VAL A 105 -8.53 -7.87 8.69
N LYS A 106 -8.93 -9.14 8.61
CA LYS A 106 -8.80 -9.88 7.35
C LYS A 106 -9.52 -9.18 6.19
N ALA A 107 -10.76 -8.73 6.46
CA ALA A 107 -11.58 -8.11 5.44
C ALA A 107 -10.97 -6.79 4.97
N SER A 108 -10.42 -6.02 5.91
CA SER A 108 -9.72 -4.77 5.56
C SER A 108 -8.49 -5.06 4.69
N LEU A 109 -7.70 -6.06 5.06
CA LEU A 109 -6.54 -6.42 4.27
C LEU A 109 -6.91 -6.90 2.86
N GLN A 110 -8.00 -7.65 2.75
CA GLN A 110 -8.43 -8.13 1.42
C GLN A 110 -8.80 -6.95 0.53
N LYS A 111 -9.55 -6.01 1.09
CA LYS A 111 -9.95 -4.82 0.36
C LYS A 111 -8.76 -3.94 -0.02
N GLN A 112 -7.82 -3.78 0.92
CA GLN A 112 -6.55 -3.12 0.65
C GLN A 112 -5.84 -3.79 -0.52
N ALA A 113 -5.77 -5.11 -0.50
CA ALA A 113 -5.07 -5.84 -1.54
C ALA A 113 -5.70 -5.66 -2.92
N HIS A 114 -7.04 -5.66 -2.98
CA HIS A 114 -7.74 -5.53 -4.26
C HIS A 114 -7.43 -4.16 -4.85
N ALA A 115 -7.44 -3.11 -4.02
CA ALA A 115 -7.13 -1.77 -4.49
C ALA A 115 -5.64 -1.66 -4.87
N ALA A 116 -4.78 -2.33 -4.09
CA ALA A 116 -3.32 -2.25 -4.28
C ALA A 116 -2.87 -2.88 -5.59
N VAL A 117 -3.38 -4.07 -5.88
CA VAL A 117 -3.06 -4.74 -7.13
C VAL A 117 -3.60 -3.96 -8.33
N THR A 118 -4.75 -3.34 -8.19
CA THR A 118 -5.26 -2.51 -9.26
C THR A 118 -4.33 -1.34 -9.52
N LEU A 119 -3.89 -0.67 -8.47
CA LEU A 119 -2.98 0.46 -8.60
C LEU A 119 -1.61 0.03 -9.11
N SER A 120 -1.10 -1.09 -8.60
CA SER A 120 0.20 -1.56 -9.05
C SER A 120 0.18 -1.87 -10.56
N GLU A 121 -0.88 -2.51 -11.04
CA GLU A 121 -1.01 -2.76 -12.47
C GLU A 121 -1.18 -1.45 -13.28
N LEU A 122 -1.91 -0.48 -12.74
CA LEU A 122 -2.09 0.80 -13.42
C LEU A 122 -0.75 1.54 -13.57
N VAL A 123 0.00 1.64 -12.49
CA VAL A 123 1.32 2.28 -12.54
C VAL A 123 2.27 1.52 -13.48
N SER A 124 2.26 0.19 -13.40
CA SER A 124 3.09 -0.65 -14.29
C SER A 124 2.76 -0.40 -15.76
N SER A 125 1.49 -0.11 -16.07
CA SER A 125 1.07 0.20 -17.45
C SER A 125 1.59 1.55 -17.96
N LYS A 126 2.05 2.42 -17.06
CA LYS A 126 2.56 3.75 -17.42
C LYS A 126 4.08 3.80 -17.64
N VAL A 127 4.80 2.74 -17.31
CA VAL A 127 6.27 2.77 -17.43
C VAL A 127 6.73 2.08 -18.70
N PRO A 128 7.86 2.52 -19.27
CA PRO A 128 8.37 1.91 -20.51
C PRO A 128 8.99 0.52 -20.27
N SER A 129 9.28 -0.20 -21.36
CA SER A 129 9.71 -1.61 -21.27
C SER A 129 10.92 -1.90 -20.37
N PRO A 130 11.92 -1.01 -20.36
CA PRO A 130 13.05 -1.33 -19.46
C PRO A 130 12.68 -1.46 -17.99
N LEU A 131 11.57 -0.86 -17.57
CA LEU A 131 11.13 -0.94 -16.19
C LEU A 131 10.10 -2.03 -15.95
N ALA A 132 9.70 -2.76 -17.00
CA ALA A 132 8.71 -3.80 -16.79
C ALA A 132 9.14 -4.87 -15.75
N PRO A 133 10.40 -5.35 -15.80
CA PRO A 133 10.80 -6.33 -14.79
C PRO A 133 10.81 -5.81 -13.34
N ILE A 134 11.38 -4.64 -13.11
CA ILE A 134 11.36 -4.10 -11.74
C ILE A 134 9.95 -3.76 -11.27
N SER A 135 9.11 -3.32 -12.20
CA SER A 135 7.75 -2.97 -11.84
C SER A 135 6.98 -4.23 -11.40
N LYS A 136 7.24 -5.36 -12.06
CA LYS A 136 6.66 -6.65 -11.65
C LYS A 136 7.15 -7.07 -10.25
N GLN A 137 8.44 -6.92 -10.00
CA GLN A 137 9.03 -7.26 -8.71
C GLN A 137 8.40 -6.42 -7.61
N LEU A 138 8.32 -5.11 -7.82
CA LEU A 138 7.75 -4.20 -6.84
C LEU A 138 6.25 -4.48 -6.63
N SER A 139 5.51 -4.73 -7.70
CA SER A 139 4.10 -5.15 -7.60
C SER A 139 3.96 -6.42 -6.76
N ASP A 140 4.78 -7.42 -7.05
CA ASP A 140 4.74 -8.69 -6.31
C ASP A 140 5.02 -8.53 -4.83
N GLN A 141 5.99 -7.68 -4.46
CA GLN A 141 6.26 -7.38 -3.06
C GLN A 141 5.02 -6.95 -2.28
N VAL A 142 4.28 -6.01 -2.85
CA VAL A 142 3.11 -5.49 -2.14
C VAL A 142 2.09 -6.62 -1.97
N ALA A 143 1.77 -7.29 -3.09
CA ALA A 143 0.81 -8.37 -3.12
C ALA A 143 1.17 -9.46 -2.11
N GLN A 144 2.45 -9.84 -2.09
CA GLN A 144 2.92 -10.89 -1.19
C GLN A 144 2.84 -10.48 0.28
N ALA A 145 3.17 -9.23 0.57
CA ALA A 145 3.06 -8.72 1.95
C ALA A 145 1.61 -8.74 2.43
N LEU A 146 0.71 -8.22 1.63
CA LEU A 146 -0.72 -8.19 2.02
C LEU A 146 -1.29 -9.60 2.15
N GLN A 147 -0.87 -10.50 1.26
CA GLN A 147 -1.32 -11.87 1.32
C GLN A 147 -0.86 -12.59 2.60
N LYS A 148 0.37 -12.30 3.01
CA LYS A 148 0.93 -12.79 4.27
C LYS A 148 0.06 -12.37 5.47
N GLY A 149 -0.43 -11.13 5.44
CA GLY A 149 -1.35 -10.63 6.44
C GLY A 149 -2.69 -11.33 6.41
N ILE A 150 -3.27 -11.43 5.21
CA ILE A 150 -4.57 -12.07 5.02
C ILE A 150 -4.54 -13.50 5.56
N GLU A 151 -3.47 -14.23 5.24
CA GLU A 151 -3.29 -15.59 5.74
C GLU A 151 -3.21 -15.66 7.27
N ALA A 152 -2.45 -14.75 7.88
CA ALA A 152 -2.29 -14.72 9.33
C ALA A 152 -3.62 -14.50 10.06
N PHE A 153 -4.51 -13.72 9.45
CA PHE A 153 -5.81 -13.44 10.04
C PHE A 153 -6.92 -14.28 9.43
N SER A 154 -6.54 -15.45 8.90
CA SER A 154 -7.48 -16.48 8.45
C SER A 154 -7.49 -17.63 9.45
N ILE A 155 -8.53 -18.45 9.41
CA ILE A 155 -8.67 -19.60 10.32
C ILE A 155 -9.15 -20.84 9.57
C1 PLM B . -2.16 -1.10 1.43
O1 PLM B . -1.87 -1.63 2.53
O2 PLM B . -3.35 -0.91 1.09
C2 PLM B . -1.02 -0.70 0.51
C3 PLM B . -1.41 0.01 -0.79
C4 PLM B . -0.14 0.22 -1.62
C5 PLM B . -0.32 0.49 -3.11
C6 PLM B . 0.99 1.06 -3.70
C7 PLM B . 1.29 0.64 -5.14
C8 PLM B . 2.80 0.57 -5.42
C9 PLM B . 3.10 0.45 -6.94
CA PLM B . 4.14 -0.61 -7.29
CB PLM B . 4.12 -1.06 -8.76
CC PLM B . 4.68 -0.13 -9.82
CD PLM B . 6.18 0.15 -9.66
CE PLM B . 6.80 1.00 -10.78
CF PLM B . 7.96 1.82 -10.24
CG PLM B . 8.80 2.49 -11.30
C ACT C . -12.80 7.58 -4.78
O ACT C . -12.68 6.84 -3.78
OXT ACT C . -11.93 8.41 -5.11
CH3 ACT C . -14.05 7.48 -5.59
C1 GOL D . -9.59 14.70 0.24
O1 GOL D . -8.48 14.59 -0.69
C2 GOL D . -10.49 13.46 0.32
O2 GOL D . -10.86 12.96 -0.99
C3 GOL D . -9.80 12.37 1.15
O3 GOL D . -10.77 11.74 2.02
#